data_3RQ7
#
_entry.id   3RQ7
#
_cell.length_a   35.337
_cell.length_b   51.210
_cell.length_c   57.963
_cell.angle_alpha   90.00
_cell.angle_beta   101.00
_cell.angle_gamma   90.00
#
_symmetry.space_group_name_H-M   'P 1 21 1'
#
loop_
_entity.id
_entity.type
_entity.pdbx_description
1 polymer 'Serine/threonine-protein kinase PLK1'
2 polymer 'C6H5(CH2)8-derivatized peptide inhibitor'
3 water water
#
loop_
_entity_poly.entity_id
_entity_poly.type
_entity_poly.pdbx_seq_one_letter_code
_entity_poly.pdbx_strand_id
1 'polypeptide(L)'
;GAHMDCHLSDMLQQLHSVNASKPSERGLVRQEEAEDPACIPIFWVSKWVDYSDKYGLGYQLCDNSVGVLFNDSTRLILYN
DGDSLQYIERDGTESYLTVSSHPNSLMKKITLLKYFRNYMSEHLLKAGANITPREGDELARLPYLRTWFRTRSAIILHLS
NGSVQINFFQDHTKLILCPLMAAVTYIDEKRDFRTYRLSLLEEYGCCKELASRLRYARTMVDKLLSSRSASNRLKAS
;
A
2 'polypeptide(L)' (ACE)PL(56A)S(TPO)(NH2) B
#
# COMPACT_ATOMS: atom_id res chain seq x y z
N HIS A 7 -10.98 8.84 -2.03
CA HIS A 7 -10.39 8.81 -3.37
C HIS A 7 -10.54 7.41 -4.02
N LEU A 8 -11.17 6.47 -3.35
CA LEU A 8 -11.40 5.14 -3.97
C LEU A 8 -12.26 5.19 -5.23
N SER A 9 -13.33 6.01 -5.25
CA SER A 9 -14.14 6.16 -6.45
C SER A 9 -13.34 6.72 -7.66
N ASP A 10 -12.44 7.65 -7.36
CA ASP A 10 -11.55 8.25 -8.37
C ASP A 10 -10.58 7.18 -8.94
N MET A 11 -9.99 6.39 -8.04
CA MET A 11 -9.14 5.28 -8.45
CA MET A 11 -9.15 5.26 -8.43
C MET A 11 -9.92 4.29 -9.32
N LEU A 12 -11.16 4.00 -8.95
CA LEU A 12 -11.94 3.03 -9.73
C LEU A 12 -12.19 3.57 -11.13
N GLN A 13 -12.51 4.85 -11.23
CA GLN A 13 -12.74 5.47 -12.54
C GLN A 13 -11.48 5.46 -13.38
N GLN A 14 -10.34 5.70 -12.74
CA GLN A 14 -9.05 5.69 -13.44
C GLN A 14 -8.77 4.27 -13.94
N LEU A 15 -9.00 3.27 -13.11
CA LEU A 15 -8.80 1.87 -13.56
C LEU A 15 -9.79 1.44 -14.63
N HIS A 16 -11.06 1.84 -14.54
CA HIS A 16 -12.03 1.54 -15.59
C HIS A 16 -11.53 2.05 -16.88
N SER A 17 -11.06 3.28 -16.85
CA SER A 17 -10.57 3.94 -18.06
C SER A 17 -9.35 3.21 -18.68
N VAL A 18 -8.31 2.91 -17.89
CA VAL A 18 -7.19 2.20 -18.44
C VAL A 18 -7.64 0.83 -18.97
N ASN A 19 -8.43 0.11 -18.20
CA ASN A 19 -8.79 -1.24 -18.63
C ASN A 19 -9.66 -1.25 -19.89
N ALA A 20 -10.53 -0.26 -20.04
CA ALA A 20 -11.38 -0.18 -21.23
C ALA A 20 -10.58 0.16 -22.47
N SER A 21 -9.39 0.71 -22.29
CA SER A 21 -8.52 1.04 -23.43
C SER A 21 -7.80 -0.21 -23.98
N LYS A 22 -7.94 -1.35 -23.29
CA LYS A 22 -7.36 -2.62 -23.76
C LYS A 22 -5.89 -2.48 -24.09
N PRO A 23 -5.10 -2.09 -23.09
CA PRO A 23 -3.76 -1.59 -23.36
C PRO A 23 -2.80 -2.67 -23.94
N SER A 24 -3.06 -3.95 -23.68
CA SER A 24 -2.21 -5.01 -24.22
C SER A 24 -2.76 -5.66 -25.48
N GLU A 25 -3.85 -5.12 -26.04
CA GLU A 25 -4.62 -5.82 -27.07
C GLU A 25 -4.74 -5.08 -28.39
N ARG A 26 -3.94 -4.07 -28.62
CA ARG A 26 -4.10 -3.31 -29.86
C ARG A 26 -2.77 -3.38 -30.62
N GLY A 27 -2.26 -2.24 -31.07
CA GLY A 27 -1.02 -2.25 -31.83
C GLY A 27 0.20 -2.28 -30.97
N LEU A 28 1.26 -1.64 -31.45
CA LEU A 28 2.56 -1.68 -30.81
C LEU A 28 2.51 -1.03 -29.42
N VAL A 29 2.93 -1.79 -28.44
CA VAL A 29 3.04 -1.30 -27.09
C VAL A 29 4.30 -0.48 -26.93
N ARG A 30 4.10 0.69 -26.36
CA ARG A 30 5.20 1.60 -26.12
CA ARG A 30 5.16 1.64 -26.15
C ARG A 30 5.15 2.00 -24.67
N GLN A 31 5.13 0.97 -23.83
CA GLN A 31 5.03 1.10 -22.38
C GLN A 31 6.00 2.09 -21.75
N GLU A 32 7.24 2.14 -22.25
CA GLU A 32 8.20 3.05 -21.72
C GLU A 32 7.78 4.53 -21.81
N GLU A 33 7.04 4.88 -22.87
CA GLU A 33 6.58 6.26 -23.05
CA GLU A 33 6.57 6.25 -23.05
C GLU A 33 5.52 6.63 -22.00
N ALA A 34 4.99 5.62 -21.31
CA ALA A 34 4.01 5.89 -20.22
C ALA A 34 4.64 6.08 -18.86
N GLU A 35 5.94 5.83 -18.72
CA GLU A 35 6.66 6.07 -17.47
C GLU A 35 6.64 7.57 -17.15
N ASP A 36 6.45 7.89 -15.87
CA ASP A 36 6.41 9.29 -15.39
C ASP A 36 7.08 9.28 -14.01
N PRO A 37 8.39 9.56 -13.95
CA PRO A 37 9.11 9.57 -12.66
C PRO A 37 8.66 10.69 -11.69
N ALA A 38 8.01 11.73 -12.19
CA ALA A 38 7.51 12.74 -11.30
C ALA A 38 6.35 12.21 -10.45
N CYS A 39 5.81 11.06 -10.86
CA CYS A 39 4.69 10.48 -10.10
C CYS A 39 5.09 9.41 -9.09
N ILE A 40 6.37 9.19 -8.90
CA ILE A 40 6.88 8.19 -7.93
C ILE A 40 6.21 8.48 -6.60
N PRO A 41 5.68 7.44 -5.93
CA PRO A 41 5.04 7.65 -4.64
C PRO A 41 5.97 8.17 -3.53
N ILE A 42 5.37 8.90 -2.60
CA ILE A 42 6.03 9.37 -1.38
C ILE A 42 6.12 8.23 -0.36
N PHE A 43 5.04 7.43 -0.33
CA PHE A 43 4.92 6.35 0.64
C PHE A 43 4.43 5.07 0.01
N TRP A 44 4.99 3.99 0.49
CA TRP A 44 4.42 2.66 0.25
C TRP A 44 4.79 1.77 1.41
N VAL A 45 4.19 0.59 1.44
CA VAL A 45 4.48 -0.41 2.46
C VAL A 45 5.67 -1.27 2.11
N SER A 46 6.73 -1.18 2.90
CA SER A 46 7.95 -1.92 2.60
CA SER A 46 7.95 -1.92 2.60
C SER A 46 7.99 -3.30 3.23
N LYS A 47 7.30 -3.46 4.38
CA LYS A 47 7.24 -4.76 5.07
C LYS A 47 5.92 -4.87 5.79
N TRP A 48 5.44 -6.08 6.06
CA TRP A 48 4.20 -6.26 6.83
C TRP A 48 4.22 -7.62 7.54
N VAL A 49 3.53 -7.64 8.69
CA VAL A 49 3.35 -8.83 9.54
C VAL A 49 1.89 -8.95 9.91
N ASP A 50 1.24 -10.03 9.46
CA ASP A 50 -0.12 -10.30 9.78
C ASP A 50 -0.17 -11.19 11.07
N TYR A 51 -0.39 -10.53 12.20
CA TYR A 51 -0.63 -11.24 13.46
C TYR A 51 -2.08 -10.97 13.89
N SER A 52 -2.98 -10.95 12.90
CA SER A 52 -4.36 -10.59 13.14
C SER A 52 -5.17 -11.65 13.91
N ASP A 53 -4.66 -12.85 14.02
CA ASP A 53 -5.44 -13.82 14.82
C ASP A 53 -5.41 -13.43 16.28
N LYS A 54 -4.46 -12.59 16.66
CA LYS A 54 -4.39 -12.11 18.06
C LYS A 54 -4.36 -10.59 18.28
N TYR A 55 -3.55 -9.88 17.50
CA TYR A 55 -3.24 -8.49 17.82
C TYR A 55 -3.60 -7.49 16.71
N GLY A 56 -3.15 -7.78 15.49
CA GLY A 56 -3.41 -6.94 14.33
C GLY A 56 -2.37 -7.09 13.25
N LEU A 57 -2.31 -6.07 12.39
CA LEU A 57 -1.46 -6.05 11.23
C LEU A 57 -0.43 -4.96 11.42
N GLY A 58 0.83 -5.36 11.50
CA GLY A 58 1.95 -4.45 11.69
C GLY A 58 2.58 -4.22 10.32
N TYR A 59 3.05 -3.00 10.07
CA TYR A 59 3.66 -2.68 8.77
C TYR A 59 4.75 -1.65 8.92
N GLN A 60 5.67 -1.66 7.97
CA GLN A 60 6.71 -0.63 7.91
C GLN A 60 6.47 0.16 6.62
N LEU A 61 6.52 1.50 6.64
CA LEU A 61 6.54 2.28 5.43
C LEU A 61 7.96 2.52 4.96
N CYS A 62 8.09 2.92 3.70
CA CYS A 62 9.39 3.00 3.07
C CYS A 62 10.33 4.02 3.71
N ASP A 63 9.80 4.86 4.59
CA ASP A 63 10.61 5.85 5.28
C ASP A 63 11.05 5.30 6.62
N ASN A 64 10.90 4.00 6.84
CA ASN A 64 11.25 3.30 8.08
C ASN A 64 10.36 3.62 9.30
N SER A 65 9.28 4.36 9.10
CA SER A 65 8.25 4.48 10.12
C SER A 65 7.49 3.15 10.17
N VAL A 66 6.82 2.89 11.30
CA VAL A 66 6.05 1.65 11.48
C VAL A 66 4.64 1.99 11.93
N GLY A 67 3.72 1.09 11.70
CA GLY A 67 2.38 1.29 12.21
C GLY A 67 1.78 -0.05 12.55
N VAL A 68 0.70 -0.02 13.33
CA VAL A 68 -0.08 -1.21 13.58
C VAL A 68 -1.56 -0.81 13.49
N LEU A 69 -2.32 -1.62 12.79
CA LEU A 69 -3.78 -1.53 12.80
C LEU A 69 -4.23 -2.68 13.69
N PHE A 70 -4.60 -2.35 14.93
CA PHE A 70 -5.02 -3.36 15.94
C PHE A 70 -6.38 -3.95 15.63
N ASN A 71 -6.65 -5.10 16.22
CA ASN A 71 -7.90 -5.79 15.99
C ASN A 71 -9.13 -5.00 16.45
N ASP A 72 -8.93 -4.06 17.38
CA ASP A 72 -10.00 -3.18 17.82
C ASP A 72 -10.18 -1.91 17.02
N SER A 73 -9.56 -1.86 15.85
CA SER A 73 -9.71 -0.76 14.92
C SER A 73 -9.08 0.53 15.40
N THR A 74 -8.21 0.44 16.40
CA THR A 74 -7.37 1.55 16.74
C THR A 74 -6.01 1.38 16.04
N ARG A 75 -5.25 2.47 15.97
CA ARG A 75 -4.00 2.51 15.23
C ARG A 75 -2.90 3.21 16.00
N LEU A 76 -1.70 2.66 15.95
CA LEU A 76 -0.54 3.32 16.45
C LEU A 76 0.51 3.47 15.37
N ILE A 77 1.08 4.65 15.28
CA ILE A 77 2.05 4.96 14.23
C ILE A 77 3.31 5.49 14.92
N LEU A 78 4.43 4.83 14.66
CA LEU A 78 5.75 5.29 15.15
C LEU A 78 6.49 5.97 14.02
N TYR A 79 6.81 7.24 14.20
CA TYR A 79 7.61 7.97 13.22
C TYR A 79 9.06 7.42 13.17
N ASN A 80 9.72 7.73 12.07
CA ASN A 80 11.03 7.20 11.87
C ASN A 80 12.13 7.78 12.75
N ASP A 81 11.78 8.77 13.58
CA ASP A 81 12.70 9.13 14.66
C ASP A 81 12.82 8.12 15.81
N GLY A 82 11.97 7.08 15.77
CA GLY A 82 12.03 5.99 16.72
C GLY A 82 11.40 6.24 18.07
N ASP A 83 10.79 7.42 18.27
CA ASP A 83 10.16 7.73 19.56
C ASP A 83 8.79 8.38 19.43
N SER A 84 8.59 9.22 18.43
CA SER A 84 7.35 9.97 18.32
C SER A 84 6.21 9.08 17.84
N LEU A 85 5.07 9.14 18.52
CA LEU A 85 3.92 8.32 18.23
C LEU A 85 2.70 9.13 17.97
N GLN A 86 1.88 8.60 17.07
CA GLN A 86 0.49 9.02 16.85
C GLN A 86 -0.42 7.85 17.16
N TYR A 87 -1.44 8.12 17.98
CA TYR A 87 -2.49 7.15 18.29
C TYR A 87 -3.80 7.64 17.76
N ILE A 88 -4.54 6.76 17.12
CA ILE A 88 -5.85 7.07 16.59
C ILE A 88 -6.88 6.15 17.20
N GLU A 89 -7.80 6.74 17.98
CA GLU A 89 -8.84 5.98 18.66
C GLU A 89 -9.90 5.56 17.69
N ARG A 90 -10.79 4.67 18.16
CA ARG A 90 -11.85 4.11 17.34
C ARG A 90 -12.73 5.24 16.75
N ASP A 91 -12.95 6.30 17.54
CA ASP A 91 -13.75 7.44 17.07
C ASP A 91 -12.98 8.45 16.19
N GLY A 92 -11.75 8.11 15.80
CA GLY A 92 -10.97 8.95 14.92
C GLY A 92 -10.07 9.96 15.61
N THR A 93 -10.18 10.08 16.93
CA THR A 93 -9.43 11.09 17.66
C THR A 93 -7.95 10.75 17.56
N GLU A 94 -7.15 11.72 17.13
CA GLU A 94 -5.67 11.58 17.03
C GLU A 94 -4.98 12.26 18.17
N SER A 95 -4.05 11.55 18.79
CA SER A 95 -3.23 12.13 19.80
C SER A 95 -1.76 11.85 19.52
N TYR A 96 -0.89 12.69 20.10
CA TYR A 96 0.54 12.60 19.92
C TYR A 96 1.19 12.38 21.25
N LEU A 97 2.25 11.58 21.26
CA LEU A 97 2.93 11.14 22.49
C LEU A 97 4.26 10.55 22.04
N THR A 98 4.99 9.89 22.92
CA THR A 98 6.23 9.22 22.57
C THR A 98 6.23 7.86 23.26
N VAL A 99 7.15 7.02 22.81
CA VAL A 99 7.30 5.68 23.36
C VAL A 99 7.67 5.80 24.86
N SER A 100 8.39 6.86 25.21
CA SER A 100 8.83 7.08 26.61
C SER A 100 7.79 7.73 27.49
N SER A 101 6.94 8.55 26.91
CA SER A 101 5.96 9.33 27.67
C SER A 101 4.59 9.13 27.09
N HIS A 102 3.86 8.19 27.68
CA HIS A 102 2.54 7.82 27.22
C HIS A 102 1.61 7.49 28.41
N PRO A 103 0.31 7.54 28.16
CA PRO A 103 -0.65 7.17 29.22
C PRO A 103 -0.49 5.71 29.52
N ASN A 104 -0.63 5.32 30.77
CA ASN A 104 -0.53 3.92 31.12
C ASN A 104 -1.46 2.98 30.33
N SER A 105 -2.60 3.50 29.87
CA SER A 105 -3.57 2.73 29.15
C SER A 105 -3.04 2.25 27.78
N LEU A 106 -1.97 2.85 27.30
CA LEU A 106 -1.38 2.46 26.00
C LEU A 106 -0.16 1.57 26.16
N MET A 107 0.13 1.12 27.39
CA MET A 107 1.32 0.31 27.64
CA MET A 107 1.34 0.33 27.58
C MET A 107 1.33 -0.94 26.73
N LYS A 108 0.21 -1.68 26.74
CA LYS A 108 0.09 -2.94 25.98
C LYS A 108 0.29 -2.71 24.48
N LYS A 109 -0.38 -1.69 23.96
CA LYS A 109 -0.28 -1.45 22.52
C LYS A 109 1.13 -0.96 22.13
N ILE A 110 1.74 -0.12 22.94
CA ILE A 110 3.08 0.32 22.65
C ILE A 110 4.08 -0.86 22.68
N THR A 111 3.98 -1.72 23.70
CA THR A 111 4.77 -2.94 23.75
C THR A 111 4.61 -3.78 22.48
N LEU A 112 3.36 -3.96 22.04
CA LEU A 112 3.09 -4.73 20.81
C LEU A 112 3.78 -4.09 19.60
N LEU A 113 3.68 -2.76 19.50
CA LEU A 113 4.35 -2.02 18.38
C LEU A 113 5.84 -2.24 18.42
N LYS A 114 6.43 -2.27 19.61
CA LYS A 114 7.87 -2.50 19.71
C LYS A 114 8.24 -3.87 19.18
N TYR A 115 7.44 -4.89 19.49
CA TYR A 115 7.70 -6.23 18.97
C TYR A 115 7.60 -6.28 17.43
N PHE A 116 6.58 -5.67 16.87
CA PHE A 116 6.39 -5.69 15.41
C PHE A 116 7.58 -4.95 14.83
N ARG A 117 7.90 -3.78 15.38
CA ARG A 117 8.99 -2.95 14.88
C ARG A 117 10.28 -3.71 14.90
N ASN A 118 10.57 -4.38 16.00
CA ASN A 118 11.81 -5.13 16.07
C ASN A 118 11.86 -6.30 15.05
N TYR A 119 10.74 -6.98 14.83
CA TYR A 119 10.70 -8.08 13.89
C TYR A 119 11.00 -7.54 12.47
N MET A 120 10.42 -6.40 12.11
CA MET A 120 10.63 -5.86 10.78
C MET A 120 11.95 -5.08 10.67
N SER A 121 12.62 -4.86 11.78
CA SER A 121 13.95 -4.27 11.65
C SER A 121 14.99 -5.41 11.47
N GLU A 122 14.74 -6.53 12.14
CA GLU A 122 15.69 -7.67 12.13
C GLU A 122 15.51 -8.59 10.94
N HIS A 123 14.32 -8.59 10.38
CA HIS A 123 13.95 -9.55 9.37
C HIS A 123 13.25 -8.86 8.17
N LEU A 124 13.26 -9.59 7.09
CA LEU A 124 12.48 -9.28 5.90
C LEU A 124 13.14 -8.21 5.07
N LEU A 125 12.83 -8.24 3.79
CA LEU A 125 13.41 -7.35 2.79
C LEU A 125 12.53 -6.12 2.65
N LYS A 126 13.13 -4.96 2.48
CA LYS A 126 12.38 -3.76 2.31
C LYS A 126 11.90 -3.68 0.85
N ALA A 127 10.58 -3.69 0.61
CA ALA A 127 10.08 -3.54 -0.74
C ALA A 127 10.45 -2.16 -1.24
N GLY A 128 10.82 -2.07 -2.53
CA GLY A 128 11.25 -0.76 -3.08
C GLY A 128 12.52 -0.18 -2.49
N ALA A 129 13.42 -1.04 -2.06
CA ALA A 129 14.68 -0.58 -1.49
C ALA A 129 15.50 0.20 -2.58
N PRO A 133 12.17 7.72 -2.56
CA PRO A 133 10.76 8.12 -2.70
C PRO A 133 10.61 9.59 -3.10
N ARG A 134 9.45 10.01 -3.58
CA ARG A 134 9.21 11.41 -3.89
C ARG A 134 9.34 12.21 -2.61
N LEU A 142 2.02 11.52 8.34
CA LEU A 142 2.24 10.21 7.71
C LEU A 142 0.91 9.56 7.43
N PRO A 143 0.78 8.83 6.30
CA PRO A 143 -0.46 8.08 6.07
C PRO A 143 -0.48 6.87 7.01
N TYR A 144 -1.67 6.40 7.35
CA TYR A 144 -1.78 5.22 8.15
C TYR A 144 -2.57 4.21 7.33
N LEU A 145 -2.64 3.00 7.84
CA LEU A 145 -3.30 1.93 7.13
C LEU A 145 -4.78 2.02 7.44
N ARG A 146 -5.57 2.38 6.44
CA ARG A 146 -7.01 2.54 6.65
C ARG A 146 -7.69 1.18 6.79
N THR A 147 -7.35 0.29 5.86
CA THR A 147 -7.87 -1.06 5.91
CA THR A 147 -8.00 -1.00 5.74
C THR A 147 -7.03 -1.93 5.00
N TRP A 148 -7.19 -3.21 5.20
CA TRP A 148 -6.43 -4.21 4.42
C TRP A 148 -7.28 -5.46 4.39
N PHE A 149 -6.96 -6.31 3.43
CA PHE A 149 -7.51 -7.66 3.41
C PHE A 149 -6.61 -8.53 2.58
N ARG A 150 -6.79 -9.83 2.71
CA ARG A 150 -6.05 -10.77 1.90
C ARG A 150 -6.98 -11.68 1.12
N THR A 151 -6.43 -12.05 -0.05
CA THR A 151 -7.06 -13.06 -0.88
C THR A 151 -6.09 -14.21 -0.96
N ARG A 152 -6.43 -15.30 -1.65
CA ARG A 152 -5.40 -16.33 -1.82
C ARG A 152 -4.15 -15.88 -2.57
N SER A 153 -4.34 -14.92 -3.47
CA SER A 153 -3.27 -14.49 -4.35
C SER A 153 -2.49 -13.20 -3.94
N ALA A 154 -3.07 -12.42 -3.06
CA ALA A 154 -2.50 -11.11 -2.75
C ALA A 154 -2.92 -10.58 -1.40
N ILE A 155 -2.18 -9.58 -0.96
CA ILE A 155 -2.60 -8.74 0.16
C ILE A 155 -2.83 -7.32 -0.37
N ILE A 156 -3.92 -6.73 0.06
CA ILE A 156 -4.43 -5.41 -0.42
C ILE A 156 -4.39 -4.45 0.78
N LEU A 157 -3.66 -3.34 0.61
CA LEU A 157 -3.33 -2.42 1.70
C LEU A 157 -3.83 -1.05 1.24
N HIS A 158 -4.75 -0.42 1.98
CA HIS A 158 -5.30 0.89 1.60
C HIS A 158 -4.85 1.92 2.61
N LEU A 159 -4.02 2.86 2.14
CA LEU A 159 -3.49 3.92 2.96
C LEU A 159 -4.44 5.13 3.01
N SER A 160 -4.34 5.88 4.10
CA SER A 160 -5.22 7.05 4.33
C SER A 160 -4.98 8.22 3.41
N ASN A 161 -3.88 8.19 2.65
CA ASN A 161 -3.64 9.16 1.61
C ASN A 161 -4.27 8.80 0.28
N GLY A 162 -5.04 7.72 0.23
CA GLY A 162 -5.72 7.28 -0.95
C GLY A 162 -5.02 6.17 -1.72
N SER A 163 -3.73 5.95 -1.42
CA SER A 163 -2.94 4.96 -2.16
C SER A 163 -3.44 3.57 -1.82
N VAL A 164 -3.36 2.68 -2.81
CA VAL A 164 -3.75 1.28 -2.63
C VAL A 164 -2.60 0.46 -3.14
N GLN A 165 -2.11 -0.42 -2.27
CA GLN A 165 -0.97 -1.27 -2.63
C GLN A 165 -1.41 -2.73 -2.64
N ILE A 166 -1.04 -3.42 -3.70
CA ILE A 166 -1.40 -4.83 -3.91
C ILE A 166 -0.13 -5.64 -4.11
N ASN A 167 0.16 -6.55 -3.17
CA ASN A 167 1.34 -7.42 -3.25
C ASN A 167 0.87 -8.83 -3.61
N PHE A 168 1.36 -9.33 -4.71
CA PHE A 168 1.03 -10.68 -5.18
C PHE A 168 2.00 -11.69 -4.57
N PHE A 169 1.44 -12.68 -3.86
CA PHE A 169 2.27 -13.58 -3.07
C PHE A 169 3.15 -14.51 -3.90
N GLN A 170 2.61 -15.03 -4.99
CA GLN A 170 3.24 -16.13 -5.75
C GLN A 170 4.48 -15.70 -6.49
N ASP A 171 4.41 -14.55 -7.14
CA ASP A 171 5.48 -14.08 -7.94
C ASP A 171 6.16 -12.81 -7.42
N HIS A 172 5.74 -12.32 -6.25
CA HIS A 172 6.38 -11.18 -5.58
C HIS A 172 6.26 -9.87 -6.35
N THR A 173 5.36 -9.84 -7.33
CA THR A 173 5.12 -8.59 -8.03
C THR A 173 4.15 -7.72 -7.21
N LYS A 174 4.24 -6.40 -7.41
CA LYS A 174 3.45 -5.44 -6.58
C LYS A 174 2.95 -4.28 -7.39
N LEU A 175 1.80 -3.76 -7.02
CA LEU A 175 1.30 -2.49 -7.55
C LEU A 175 1.16 -1.50 -6.45
N ILE A 176 1.55 -0.25 -6.72
CA ILE A 176 1.22 0.87 -5.82
C ILE A 176 0.42 1.87 -6.65
N LEU A 177 -0.87 2.04 -6.31
CA LEU A 177 -1.83 2.89 -7.05
C LEU A 177 -2.05 4.17 -6.29
N CYS A 178 -1.92 5.34 -6.95
CA CYS A 178 -2.20 6.61 -6.29
C CYS A 178 -3.20 7.37 -7.10
N PRO A 179 -4.35 7.68 -6.53
CA PRO A 179 -5.42 8.36 -7.25
C PRO A 179 -5.19 9.88 -7.39
N LEU A 180 -4.25 10.40 -6.64
CA LEU A 180 -3.97 11.86 -6.67
C LEU A 180 -3.06 12.13 -7.84
N MET A 181 -2.07 11.27 -8.01
CA MET A 181 -1.19 11.32 -9.19
C MET A 181 -1.80 10.62 -10.40
N ALA A 182 -2.81 9.79 -10.15
CA ALA A 182 -3.44 8.93 -11.17
C ALA A 182 -2.36 8.08 -11.86
N ALA A 183 -1.63 7.37 -11.01
CA ALA A 183 -0.41 6.70 -11.40
C ALA A 183 -0.41 5.32 -10.79
N VAL A 184 0.39 4.43 -11.37
CA VAL A 184 0.62 3.11 -10.80
C VAL A 184 2.11 2.82 -10.88
N THR A 185 2.65 2.33 -9.77
CA THR A 185 4.02 1.83 -9.72
C THR A 185 3.96 0.31 -9.75
N TYR A 186 4.69 -0.28 -10.68
CA TYR A 186 4.74 -1.75 -10.82
C TYR A 186 6.13 -2.20 -10.47
N ILE A 187 6.22 -3.09 -9.50
CA ILE A 187 7.45 -3.76 -9.09
C ILE A 187 7.35 -5.19 -9.64
N ASP A 188 8.28 -5.53 -10.52
CA ASP A 188 8.25 -6.83 -11.18
C ASP A 188 9.10 -7.87 -10.44
N GLU A 189 9.17 -9.06 -11.03
CA GLU A 189 9.85 -10.20 -10.40
C GLU A 189 11.35 -10.00 -10.23
N LYS A 190 11.92 -9.08 -10.95
CA LYS A 190 13.32 -8.77 -10.77
C LYS A 190 13.59 -7.59 -9.82
N ARG A 191 12.49 -7.08 -9.22
CA ARG A 191 12.47 -5.90 -8.37
C ARG A 191 12.75 -4.57 -9.08
N ASP A 192 12.60 -4.56 -10.40
CA ASP A 192 12.63 -3.29 -11.14
C ASP A 192 11.31 -2.54 -10.80
N PHE A 193 11.37 -1.22 -10.50
CA PHE A 193 10.27 -0.36 -9.90
C PHE A 193 10.04 0.75 -10.95
N ARG A 194 8.96 0.66 -11.76
CA ARG A 194 8.62 1.65 -12.82
C ARG A 194 7.30 2.30 -12.45
N THR A 195 7.20 3.62 -12.59
CA THR A 195 5.95 4.32 -12.30
C THR A 195 5.38 4.87 -13.58
N TYR A 196 4.10 4.61 -13.78
CA TYR A 196 3.39 4.96 -14.98
C TYR A 196 2.23 5.90 -14.67
N ARG A 197 2.00 6.85 -15.54
CA ARG A 197 0.74 7.55 -15.52
C ARG A 197 -0.35 6.70 -16.15
N LEU A 198 -1.45 6.50 -15.44
CA LEU A 198 -2.51 5.66 -15.96
C LEU A 198 -3.04 6.11 -17.34
N SER A 199 -3.20 7.41 -17.50
CA SER A 199 -3.69 7.90 -18.78
C SER A 199 -2.65 7.67 -19.88
N LEU A 200 -1.35 7.66 -19.55
CA LEU A 200 -0.32 7.33 -20.59
C LEU A 200 -0.32 5.85 -20.90
N LEU A 201 -0.74 4.97 -19.97
CA LEU A 201 -0.95 3.56 -20.32
C LEU A 201 -2.08 3.42 -21.35
N GLU A 202 -3.15 4.21 -21.18
CA GLU A 202 -4.19 4.29 -22.24
C GLU A 202 -3.62 4.73 -23.58
N GLU A 203 -2.75 5.71 -23.56
CA GLU A 203 -2.14 6.24 -24.78
C GLU A 203 -1.14 5.33 -25.47
N TYR A 204 -0.35 4.59 -24.71
CA TYR A 204 0.81 3.90 -25.27
C TYR A 204 0.73 2.38 -25.13
N GLY A 205 -0.17 1.91 -24.28
CA GLY A 205 -0.31 0.48 -24.05
C GLY A 205 0.66 -0.05 -22.99
N CYS A 206 0.53 -1.35 -22.74
CA CYS A 206 1.43 -2.05 -21.83
C CYS A 206 1.38 -3.53 -22.12
N CYS A 207 2.31 -4.23 -21.48
CA CYS A 207 2.41 -5.68 -21.62
C CYS A 207 1.20 -6.39 -20.97
N LYS A 208 0.95 -7.63 -21.36
CA LYS A 208 -0.20 -8.34 -20.83
C LYS A 208 -0.08 -8.59 -19.34
N GLU A 209 1.14 -8.68 -18.81
CA GLU A 209 1.34 -8.91 -17.39
C GLU A 209 0.82 -7.74 -16.56
N LEU A 210 1.24 -6.54 -16.92
CA LEU A 210 0.77 -5.36 -16.24
C LEU A 210 -0.73 -5.21 -16.48
N ALA A 211 -1.20 -5.42 -17.69
CA ALA A 211 -2.64 -5.28 -17.95
C ALA A 211 -3.49 -6.20 -17.09
N SER A 212 -3.06 -7.44 -16.91
CA SER A 212 -3.80 -8.41 -16.12
CA SER A 212 -3.88 -8.37 -16.14
C SER A 212 -3.86 -7.96 -14.67
N ARG A 213 -2.73 -7.47 -14.18
CA ARG A 213 -2.71 -7.04 -12.79
C ARG A 213 -3.56 -5.79 -12.54
N LEU A 214 -3.68 -4.93 -13.55
CA LEU A 214 -4.61 -3.79 -13.45
C LEU A 214 -6.08 -4.20 -13.49
N ARG A 215 -6.40 -5.26 -14.23
CA ARG A 215 -7.76 -5.82 -14.20
C ARG A 215 -8.05 -6.34 -12.79
N TYR A 216 -7.08 -7.05 -12.20
CA TYR A 216 -7.24 -7.53 -10.83
C TYR A 216 -7.39 -6.37 -9.88
N ALA A 217 -6.55 -5.34 -10.05
CA ALA A 217 -6.63 -4.17 -9.17
C ALA A 217 -8.02 -3.55 -9.15
N ARG A 218 -8.62 -3.43 -10.31
CA ARG A 218 -10.00 -2.89 -10.39
C ARG A 218 -10.96 -3.69 -9.52
N THR A 219 -10.85 -5.02 -9.60
CA THR A 219 -11.71 -5.87 -8.77
C THR A 219 -11.45 -5.63 -7.28
N MET A 220 -10.20 -5.40 -6.90
CA MET A 220 -9.87 -5.17 -5.52
C MET A 220 -10.36 -3.83 -5.04
N VAL A 221 -10.27 -2.82 -5.89
CA VAL A 221 -10.82 -1.51 -5.52
C VAL A 221 -12.35 -1.56 -5.35
N ASP A 222 -13.05 -2.28 -6.24
CA ASP A 222 -14.48 -2.55 -6.05
C ASP A 222 -14.75 -3.22 -4.69
N LYS A 223 -13.91 -4.18 -4.30
CA LYS A 223 -14.06 -4.82 -2.98
C LYS A 223 -13.87 -3.81 -1.85
N LEU A 224 -12.84 -2.93 -1.94
CA LEU A 224 -12.64 -1.90 -0.95
C LEU A 224 -13.87 -0.97 -0.88
N LEU A 225 -14.39 -0.52 -2.02
CA LEU A 225 -15.50 0.43 -2.03
C LEU A 225 -16.73 -0.23 -1.48
N SER A 226 -16.92 -1.53 -1.76
CA SER A 226 -18.13 -2.25 -1.37
CA SER A 226 -18.17 -2.17 -1.34
C SER A 226 -18.11 -2.63 0.09
N SER A 227 -16.96 -2.48 0.72
CA SER A 227 -16.84 -2.95 2.09
C SER A 227 -16.42 -1.79 3.01
N ARG A 228 -16.43 -0.56 2.52
CA ARG A 228 -15.88 0.55 3.30
C ARG A 228 -16.84 1.08 4.35
N PRO B 2 0.99 -16.45 3.02
CA PRO B 2 2.04 -16.00 3.98
C PRO B 2 1.53 -15.02 5.00
N LEU B 3 2.12 -15.18 6.21
CA LEU B 3 1.73 -14.34 7.35
C LEU B 3 2.65 -13.14 7.57
N SER B 5 5.54 -10.47 5.00
CA SER B 5 6.06 -10.11 3.68
C SER B 5 7.36 -10.82 3.48
#